data_4S27
#
_entry.id   4S27
#
_cell.length_a   106.936
_cell.length_b   106.936
_cell.length_c   87.619
_cell.angle_alpha   90.00
_cell.angle_beta   90.00
_cell.angle_gamma   120.00
#
_symmetry.space_group_name_H-M   'P 32 2 1'
#
loop_
_entity.id
_entity.type
_entity.pdbx_description
1 polymer 'Phosphomethylpyrimidine synthase, chloroplastic'
2 non-polymer 'IRON/SULFUR CLUSTER'
3 non-polymer '5-AMINOIMIDAZOLE RIBONUCLEOTIDE'
4 non-polymer "5'-DEOXYADENOSINE"
5 non-polymer METHIONINE
6 non-polymer 'FE (II) ION'
7 non-polymer 'CHLORIDE ION'
8 non-polymer 1,4-BUTANEDIOL
9 water water
#
_entity_poly.entity_id   1
_entity_poly.type   'polypeptide(L)'
_entity_poly.pdbx_seq_one_letter_code
;GHMKHTIDPSSPDFQPIPSFEECFPKSTKEHKEVVHEESGHVLKVPFRRVHLSGGEPAFDNYDTSGPQNVNAHIGLAKLR
KEWIDRREKLGTPRYTQMYYAKQGIITEEMLYCATREKLDPEFVRSEVARGRAIIPSNKKHLELEPMIVGRKFLVKVNAN
IGNSAVASSIEEEVYKVQWATMWGADTIMDLSTGRHIHETREWILRNSAVPVGTVPIYQALEKVDGIAENLNWEVFRETL
IEQAEQGVDYFTIHAGVLLRYIPLTAKRLTGIVSRGGSIHAKWCLAYHKENFAYEHWDDILDICNQYDVALSIGDGLRPG
SIYDANDTAQFAELLTQGELTRRAWEKDVQVMNEGPGHVPMHKIPENMQKQLEWCNEAPFYTLGPLTTDIAPGYDHITSA
IGAANIGALGTALLCYVTPKEHLGLPNRDDVKAGVIAYKIAAHAADLAKQHPHAQAWDDALSKARFEFRWMDQFALSLDP
MTAMSFHDETLPADGAKVAHFCSMCGPKFCSMKITEDIRKYAEENGYGSAEEAIRQGMDAMSEEFNIAKKTISGEQHGEV
GGEIYLPESYVKAAQK
;
_entity_poly.pdbx_strand_id   A
#
loop_
_chem_comp.id
_chem_comp.type
_chem_comp.name
_chem_comp.formula
5AD non-polymer 5'-DEOXYADENOSINE 'C10 H13 N5 O3'
AIR non-polymer '5-AMINOIMIDAZOLE RIBONUCLEOTIDE' 'C8 H14 N3 O7 P'
BU1 non-polymer 1,4-BUTANEDIOL 'C4 H10 O2'
CL non-polymer 'CHLORIDE ION' 'Cl -1'
FE2 non-polymer 'FE (II) ION' 'Fe 2'
SF4 non-polymer 'IRON/SULFUR CLUSTER' 'Fe4 S4'
#
# COMPACT_ATOMS: atom_id res chain seq x y z
N SER A 10 5.80 -22.67 -14.23
CA SER A 10 5.00 -23.69 -13.56
C SER A 10 5.66 -24.16 -12.27
N SER A 11 6.99 -24.09 -12.24
CA SER A 11 7.74 -24.44 -11.04
C SER A 11 9.02 -23.60 -10.89
N PRO A 12 8.86 -22.33 -10.51
CA PRO A 12 10.01 -21.44 -10.33
C PRO A 12 10.92 -21.90 -9.20
N ASP A 13 12.18 -21.48 -9.26
CA ASP A 13 13.15 -21.80 -8.22
C ASP A 13 13.06 -20.79 -7.09
N PHE A 14 11.98 -20.86 -6.32
CA PHE A 14 11.77 -19.94 -5.21
C PHE A 14 12.82 -20.08 -4.13
N GLN A 15 13.32 -18.94 -3.64
CA GLN A 15 14.27 -18.91 -2.54
C GLN A 15 13.67 -18.13 -1.37
N PRO A 16 13.89 -18.60 -0.15
CA PRO A 16 13.27 -17.97 1.02
C PRO A 16 13.88 -16.61 1.37
N ILE A 17 13.04 -15.68 1.83
CA ILE A 17 13.56 -14.44 2.37
C ILE A 17 14.16 -14.73 3.74
N PRO A 18 15.02 -13.82 4.24
CA PRO A 18 15.51 -13.94 5.62
C PRO A 18 14.34 -14.08 6.59
N SER A 19 14.57 -14.80 7.67
CA SER A 19 13.50 -15.11 8.60
C SER A 19 13.02 -13.89 9.37
N PHE A 20 11.79 -13.99 9.86
CA PHE A 20 11.22 -12.97 10.72
C PHE A 20 12.17 -12.68 11.90
N GLU A 21 12.73 -13.75 12.46
CA GLU A 21 13.60 -13.63 13.63
C GLU A 21 14.90 -12.89 13.31
N GLU A 22 15.42 -13.10 12.10
CA GLU A 22 16.62 -12.39 11.67
C GLU A 22 16.32 -10.91 11.47
N CYS A 23 15.13 -10.60 10.96
CA CYS A 23 14.76 -9.23 10.67
C CYS A 23 14.36 -8.46 11.92
N PHE A 24 13.70 -9.16 12.84
CA PHE A 24 13.13 -8.53 14.03
C PHE A 24 13.53 -9.27 15.31
N PRO A 25 14.80 -9.15 15.69
CA PRO A 25 15.26 -9.79 16.93
C PRO A 25 14.42 -9.32 18.12
N LYS A 26 14.08 -10.27 18.99
CA LYS A 26 13.26 -10.04 20.19
C LYS A 26 11.77 -9.88 19.91
N SER A 27 11.38 -9.98 18.64
CA SER A 27 9.96 -9.94 18.30
C SER A 27 9.40 -11.34 18.07
N THR A 28 8.11 -11.51 18.39
CA THR A 28 7.41 -12.72 18.01
C THR A 28 6.15 -12.36 17.24
N LYS A 29 5.77 -13.22 16.30
CA LYS A 29 4.49 -13.09 15.65
C LYS A 29 3.41 -13.64 16.58
N GLU A 30 2.33 -12.89 16.72
CA GLU A 30 1.23 -13.28 17.58
C GLU A 30 -0.07 -13.06 16.82
N HIS A 31 -1.16 -13.57 17.38
N HIS A 31 -1.17 -13.53 17.39
CA HIS A 31 -2.48 -13.30 16.82
CA HIS A 31 -2.48 -13.27 16.80
C HIS A 31 -3.45 -13.02 17.96
C HIS A 31 -3.55 -13.12 17.87
N LYS A 32 -4.36 -12.08 17.71
CA LYS A 32 -5.46 -11.82 18.64
C LYS A 32 -6.69 -12.54 18.11
N GLU A 33 -7.26 -13.42 18.93
CA GLU A 33 -8.44 -14.17 18.52
C GLU A 33 -9.71 -13.43 18.88
N VAL A 34 -10.58 -13.25 17.89
N VAL A 34 -10.58 -13.26 17.89
CA VAL A 34 -11.87 -12.63 18.11
CA VAL A 34 -11.86 -12.57 18.09
C VAL A 34 -12.90 -13.46 17.39
C VAL A 34 -12.95 -13.27 17.29
N VAL A 35 -14.13 -13.39 17.87
CA VAL A 35 -15.22 -14.14 17.26
C VAL A 35 -16.13 -13.22 16.49
N HIS A 36 -16.39 -13.58 15.24
CA HIS A 36 -17.37 -12.88 14.43
C HIS A 36 -18.73 -13.42 14.86
N GLU A 37 -19.51 -12.61 15.54
CA GLU A 37 -20.64 -13.17 16.26
C GLU A 37 -21.77 -13.70 15.37
N GLU A 38 -22.01 -13.05 14.24
CA GLU A 38 -23.07 -13.51 13.35
C GLU A 38 -22.82 -14.93 12.81
N SER A 39 -21.56 -15.23 12.53
CA SER A 39 -21.21 -16.51 11.90
C SER A 39 -20.63 -17.53 12.88
N GLY A 40 -20.10 -17.05 14.00
CA GLY A 40 -19.33 -17.91 14.88
C GLY A 40 -17.91 -18.17 14.41
N HIS A 41 -17.49 -17.52 13.32
CA HIS A 41 -16.14 -17.72 12.82
C HIS A 41 -15.10 -17.08 13.74
N VAL A 42 -14.04 -17.82 14.02
CA VAL A 42 -12.97 -17.33 14.85
C VAL A 42 -11.91 -16.71 13.94
N LEU A 43 -11.57 -15.44 14.20
CA LEU A 43 -10.59 -14.72 13.42
C LEU A 43 -9.30 -14.63 14.21
N LYS A 44 -8.17 -14.80 13.54
CA LYS A 44 -6.87 -14.69 14.17
C LYS A 44 -6.11 -13.51 13.59
N VAL A 45 -6.15 -12.39 14.29
CA VAL A 45 -5.69 -11.13 13.72
C VAL A 45 -4.22 -10.91 14.11
N PRO A 46 -3.34 -10.80 13.11
CA PRO A 46 -1.90 -10.77 13.40
C PRO A 46 -1.42 -9.49 14.08
N PHE A 47 -0.41 -9.66 14.92
CA PHE A 47 0.35 -8.52 15.43
C PHE A 47 1.73 -9.02 15.78
N ARG A 48 2.64 -8.11 16.01
N ARG A 48 2.65 -8.08 16.04
CA ARG A 48 3.91 -8.52 16.53
CA ARG A 48 4.05 -8.40 16.39
C ARG A 48 4.02 -8.07 17.96
C ARG A 48 4.37 -7.90 17.80
N ARG A 49 4.85 -8.80 18.68
CA ARG A 49 5.13 -8.43 20.06
C ARG A 49 6.64 -8.30 20.24
N VAL A 50 7.07 -7.14 20.71
CA VAL A 50 8.48 -6.89 20.93
C VAL A 50 8.76 -7.09 22.41
N HIS A 51 9.60 -8.07 22.71
CA HIS A 51 9.89 -8.42 24.09
C HIS A 51 11.03 -7.57 24.62
N LEU A 52 10.75 -6.87 25.72
CA LEU A 52 11.67 -5.87 26.25
C LEU A 52 12.20 -6.28 27.61
N SER A 53 13.19 -5.55 28.08
CA SER A 53 13.86 -5.86 29.34
C SER A 53 13.49 -4.83 30.39
N GLY A 54 14.11 -4.95 31.56
CA GLY A 54 13.97 -3.96 32.62
C GLY A 54 12.58 -3.70 33.13
N GLY A 55 11.73 -4.72 33.11
CA GLY A 55 10.37 -4.57 33.61
C GLY A 55 9.42 -3.79 32.69
N GLU A 56 9.85 -3.49 31.47
CA GLU A 56 8.92 -2.92 30.51
C GLU A 56 7.95 -3.98 30.01
N PRO A 57 6.68 -3.61 29.87
CA PRO A 57 5.77 -4.56 29.22
C PRO A 57 6.17 -4.72 27.76
N ALA A 58 5.88 -5.89 27.21
CA ALA A 58 6.15 -6.12 25.81
C ALA A 58 5.36 -5.11 24.99
N PHE A 59 5.92 -4.71 23.85
CA PHE A 59 5.28 -3.71 23.01
C PHE A 59 4.65 -4.37 21.79
N ASP A 60 3.36 -4.17 21.61
CA ASP A 60 2.64 -4.79 20.49
C ASP A 60 2.52 -3.82 19.34
N ASN A 61 2.87 -4.30 18.15
CA ASN A 61 2.83 -3.48 16.96
C ASN A 61 2.11 -4.18 15.83
N TYR A 62 1.82 -3.41 14.78
CA TYR A 62 1.17 -3.92 13.58
C TYR A 62 2.10 -4.91 12.88
N ASP A 63 1.53 -5.85 12.13
CA ASP A 63 2.33 -6.86 11.46
C ASP A 63 1.70 -7.25 10.13
N THR A 64 2.37 -6.91 9.04
CA THR A 64 1.92 -7.27 7.70
C THR A 64 2.68 -8.45 7.12
N SER A 65 3.66 -8.98 7.85
CA SER A 65 4.59 -9.96 7.28
C SER A 65 3.92 -11.26 6.84
N GLY A 66 2.76 -11.58 7.41
CA GLY A 66 2.00 -12.75 7.00
C GLY A 66 2.62 -14.03 7.49
N PRO A 67 1.99 -15.16 7.16
CA PRO A 67 2.49 -16.46 7.60
C PRO A 67 3.91 -16.71 7.09
N GLN A 68 4.74 -17.27 7.96
CA GLN A 68 6.16 -17.46 7.65
C GLN A 68 6.50 -18.90 7.30
N ASN A 69 7.58 -19.05 6.53
CA ASN A 69 8.13 -20.37 6.20
C ASN A 69 7.17 -21.26 5.42
N VAL A 70 6.32 -20.64 4.62
CA VAL A 70 5.38 -21.39 3.80
C VAL A 70 5.96 -21.62 2.41
N ASN A 71 5.99 -22.87 1.98
CA ASN A 71 6.47 -23.21 0.64
C ASN A 71 5.65 -22.51 -0.42
N ALA A 72 6.31 -21.69 -1.24
CA ALA A 72 5.60 -20.89 -2.23
C ALA A 72 4.95 -21.74 -3.31
N HIS A 73 5.41 -22.97 -3.46
N HIS A 73 5.41 -22.97 -3.46
CA HIS A 73 4.80 -23.90 -4.38
CA HIS A 73 4.80 -23.90 -4.38
C HIS A 73 3.45 -24.38 -3.85
C HIS A 73 3.46 -24.37 -3.85
N ILE A 74 3.26 -24.29 -2.54
CA ILE A 74 1.99 -24.71 -1.92
C ILE A 74 1.04 -23.51 -1.71
N GLY A 75 1.60 -22.37 -1.34
CA GLY A 75 0.81 -21.16 -1.11
C GLY A 75 0.28 -21.08 0.30
N LEU A 76 -0.24 -19.92 0.64
CA LEU A 76 -0.73 -19.64 1.97
C LEU A 76 -2.06 -20.31 2.26
N ALA A 77 -2.37 -20.48 3.53
CA ALA A 77 -3.66 -21.01 3.94
C ALA A 77 -4.78 -20.11 3.43
N LYS A 78 -5.88 -20.72 3.01
CA LYS A 78 -7.02 -19.97 2.52
C LYS A 78 -7.94 -19.58 3.67
N LEU A 79 -7.44 -18.65 4.50
CA LEU A 79 -8.07 -18.32 5.77
C LEU A 79 -9.50 -17.76 5.63
N ARG A 80 -9.81 -17.16 4.49
CA ARG A 80 -11.13 -16.55 4.32
C ARG A 80 -12.18 -17.51 3.76
N LYS A 81 -11.80 -18.74 3.46
CA LYS A 81 -12.68 -19.66 2.75
C LYS A 81 -14.07 -19.80 3.38
N GLU A 82 -14.12 -20.03 4.68
N GLU A 82 -14.12 -20.03 4.68
CA GLU A 82 -15.41 -20.25 5.33
CA GLU A 82 -15.41 -20.26 5.31
C GLU A 82 -16.25 -18.99 5.35
C GLU A 82 -16.26 -18.99 5.40
N TRP A 83 -15.60 -17.82 5.36
CA TRP A 83 -16.34 -16.57 5.34
C TRP A 83 -17.06 -16.44 4.01
N ILE A 84 -16.31 -16.65 2.93
CA ILE A 84 -16.86 -16.51 1.59
C ILE A 84 -17.92 -17.58 1.31
N ASP A 85 -17.65 -18.81 1.72
CA ASP A 85 -18.59 -19.90 1.49
C ASP A 85 -19.91 -19.64 2.20
N ARG A 86 -19.85 -19.16 3.44
CA ARG A 86 -21.07 -18.89 4.18
C ARG A 86 -21.88 -17.78 3.54
N ARG A 87 -21.23 -16.71 3.12
CA ARG A 87 -21.97 -15.63 2.50
C ARG A 87 -22.60 -16.07 1.18
N GLU A 88 -21.91 -16.93 0.44
CA GLU A 88 -22.47 -17.44 -0.79
C GLU A 88 -23.71 -18.30 -0.53
N LYS A 89 -23.64 -19.12 0.51
CA LYS A 89 -24.78 -19.98 0.85
C LYS A 89 -25.97 -19.17 1.33
N LEU A 90 -25.72 -18.06 2.02
CA LEU A 90 -26.80 -17.17 2.43
C LEU A 90 -27.45 -16.48 1.23
N GLY A 91 -26.65 -16.18 0.22
CA GLY A 91 -27.13 -15.52 -0.97
C GLY A 91 -27.03 -14.01 -0.85
N THR A 92 -26.58 -13.37 -1.92
CA THR A 92 -26.44 -11.92 -1.91
C THR A 92 -26.40 -11.41 -3.34
N PRO A 93 -26.96 -10.21 -3.59
CA PRO A 93 -26.96 -9.67 -4.95
C PRO A 93 -25.62 -9.06 -5.33
N ARG A 94 -24.87 -8.60 -4.33
CA ARG A 94 -23.56 -7.96 -4.53
C ARG A 94 -22.65 -8.46 -3.44
N TYR A 95 -21.35 -8.44 -3.72
CA TYR A 95 -20.40 -9.12 -2.85
C TYR A 95 -19.41 -8.16 -2.19
N THR A 96 -19.66 -6.87 -2.29
CA THR A 96 -18.67 -5.90 -1.82
C THR A 96 -18.83 -5.54 -0.35
N GLN A 97 -17.72 -5.17 0.28
CA GLN A 97 -17.80 -4.73 1.67
C GLN A 97 -18.70 -3.51 1.82
N MET A 98 -18.74 -2.65 0.80
CA MET A 98 -19.64 -1.49 0.86
C MET A 98 -21.11 -1.92 0.83
N TYR A 99 -21.44 -2.89 -0.02
CA TYR A 99 -22.80 -3.41 -0.04
C TYR A 99 -23.18 -3.94 1.34
N TYR A 100 -22.33 -4.79 1.91
CA TYR A 100 -22.63 -5.36 3.21
C TYR A 100 -22.76 -4.27 4.27
N ALA A 101 -21.82 -3.33 4.27
CA ALA A 101 -21.85 -2.25 5.24
C ALA A 101 -23.15 -1.46 5.17
N LYS A 102 -23.60 -1.17 3.95
CA LYS A 102 -24.83 -0.40 3.78
C LYS A 102 -26.07 -1.16 4.22
N GLN A 103 -25.99 -2.49 4.24
N GLN A 103 -25.96 -2.49 4.24
CA GLN A 103 -27.10 -3.28 4.76
CA GLN A 103 -27.01 -3.37 4.74
C GLN A 103 -27.11 -3.29 6.29
C GLN A 103 -26.96 -3.50 6.27
N GLY A 104 -26.04 -2.79 6.90
CA GLY A 104 -25.90 -2.84 8.34
C GLY A 104 -25.17 -4.07 8.83
N ILE A 105 -24.52 -4.77 7.92
CA ILE A 105 -23.84 -6.01 8.24
C ILE A 105 -22.37 -5.75 8.58
N ILE A 106 -21.93 -6.25 9.73
CA ILE A 106 -20.51 -6.26 10.06
C ILE A 106 -19.95 -7.61 9.63
N THR A 107 -19.10 -7.60 8.61
CA THR A 107 -18.53 -8.82 8.07
C THR A 107 -17.30 -9.25 8.86
N GLU A 108 -16.81 -10.45 8.59
CA GLU A 108 -15.55 -10.88 9.18
C GLU A 108 -14.44 -9.91 8.82
N GLU A 109 -14.42 -9.45 7.57
CA GLU A 109 -13.37 -8.53 7.14
C GLU A 109 -13.39 -7.25 7.98
N MET A 110 -14.59 -6.72 8.22
CA MET A 110 -14.71 -5.50 9.02
C MET A 110 -14.26 -5.71 10.44
N LEU A 111 -14.65 -6.82 11.05
CA LEU A 111 -14.22 -7.11 12.41
C LEU A 111 -12.71 -7.33 12.49
N TYR A 112 -12.17 -8.01 11.49
CA TYR A 112 -10.73 -8.27 11.42
C TYR A 112 -9.98 -6.94 11.40
N CYS A 113 -10.42 -6.04 10.52
CA CYS A 113 -9.80 -4.72 10.42
C CYS A 113 -9.96 -3.90 11.68
N ALA A 114 -11.15 -3.92 12.28
CA ALA A 114 -11.39 -3.19 13.52
C ALA A 114 -10.43 -3.66 14.58
N THR A 115 -10.27 -4.97 14.69
CA THR A 115 -9.38 -5.54 15.69
C THR A 115 -7.94 -5.09 15.41
N ARG A 116 -7.56 -5.14 14.14
CA ARG A 116 -6.21 -4.79 13.73
C ARG A 116 -5.88 -3.32 13.98
N GLU A 117 -6.91 -2.48 13.95
CA GLU A 117 -6.78 -1.04 14.13
C GLU A 117 -7.09 -0.58 15.55
N LYS A 118 -7.49 -1.52 16.41
CA LYS A 118 -7.94 -1.20 17.77
C LYS A 118 -9.07 -0.19 17.80
N LEU A 119 -10.03 -0.38 16.90
CA LEU A 119 -11.18 0.49 16.80
C LEU A 119 -12.47 -0.34 16.79
N ASP A 120 -13.60 0.32 16.92
CA ASP A 120 -14.88 -0.40 17.00
C ASP A 120 -15.33 -0.94 15.64
N PRO A 121 -15.85 -2.18 15.62
CA PRO A 121 -16.32 -2.73 14.34
C PRO A 121 -17.43 -1.90 13.68
N GLU A 122 -18.31 -1.30 14.48
CA GLU A 122 -19.35 -0.44 13.93
C GLU A 122 -18.74 0.79 13.28
N PHE A 123 -17.65 1.31 13.85
CA PHE A 123 -16.98 2.45 13.24
C PHE A 123 -16.39 2.08 11.89
N VAL A 124 -15.78 0.90 11.81
CA VAL A 124 -15.30 0.39 10.54
C VAL A 124 -16.44 0.28 9.53
N ARG A 125 -17.56 -0.32 9.95
CA ARG A 125 -18.69 -0.49 9.05
C ARG A 125 -19.16 0.87 8.52
N SER A 126 -19.26 1.84 9.42
CA SER A 126 -19.72 3.17 9.06
C SER A 126 -18.79 3.83 8.03
N GLU A 127 -17.49 3.72 8.28
CA GLU A 127 -16.52 4.34 7.37
C GLU A 127 -16.58 3.72 5.97
N VAL A 128 -16.73 2.39 5.92
CA VAL A 128 -16.86 1.73 4.63
C VAL A 128 -18.19 2.09 3.95
N ALA A 129 -19.28 2.11 4.71
CA ALA A 129 -20.57 2.44 4.12
C ALA A 129 -20.62 3.84 3.54
N ARG A 130 -19.94 4.78 4.19
CA ARG A 130 -20.01 6.17 3.73
C ARG A 130 -18.98 6.45 2.63
N GLY A 131 -18.14 5.46 2.32
CA GLY A 131 -17.15 5.58 1.25
C GLY A 131 -15.83 6.20 1.67
N ARG A 132 -15.62 6.38 2.97
CA ARG A 132 -14.44 7.06 3.48
C ARG A 132 -13.32 6.06 3.85
N ALA A 133 -13.61 4.78 3.74
CA ALA A 133 -12.59 3.76 3.92
C ALA A 133 -12.94 2.58 3.02
N ILE A 134 -11.94 1.83 2.60
CA ILE A 134 -12.16 0.61 1.83
C ILE A 134 -11.39 -0.54 2.42
N ILE A 135 -11.91 -1.75 2.20
CA ILE A 135 -11.27 -2.98 2.62
C ILE A 135 -11.06 -3.81 1.36
N PRO A 136 -9.90 -3.66 0.69
CA PRO A 136 -9.72 -4.33 -0.60
C PRO A 136 -9.57 -5.82 -0.36
N SER A 137 -10.53 -6.59 -0.84
CA SER A 137 -10.66 -7.98 -0.38
C SER A 137 -11.48 -8.83 -1.33
N ASN A 138 -10.98 -9.00 -2.56
CA ASN A 138 -11.61 -9.86 -3.55
C ASN A 138 -11.90 -11.23 -2.93
N LYS A 139 -13.12 -11.74 -3.13
CA LYS A 139 -13.51 -13.02 -2.55
C LYS A 139 -12.67 -14.20 -3.04
N LYS A 140 -11.94 -14.01 -4.14
CA LYS A 140 -11.05 -15.03 -4.67
C LYS A 140 -9.64 -14.95 -4.07
N HIS A 141 -9.37 -13.90 -3.29
CA HIS A 141 -8.08 -13.80 -2.60
C HIS A 141 -8.25 -14.35 -1.18
N LEU A 142 -8.37 -15.67 -1.08
CA LEU A 142 -8.71 -16.30 0.19
C LEU A 142 -7.58 -16.27 1.20
N GLU A 143 -6.36 -16.01 0.71
CA GLU A 143 -5.15 -15.98 1.52
C GLU A 143 -4.99 -14.67 2.30
N LEU A 144 -5.79 -13.68 1.94
CA LEU A 144 -5.65 -12.32 2.46
C LEU A 144 -5.95 -12.20 3.93
N GLU A 145 -5.05 -11.53 4.66
CA GLU A 145 -5.33 -11.01 6.00
C GLU A 145 -5.92 -9.60 5.83
N PRO A 146 -7.23 -9.42 6.11
CA PRO A 146 -7.83 -8.12 5.79
C PRO A 146 -7.19 -6.91 6.47
N MET A 147 -7.19 -5.82 5.70
CA MET A 147 -6.72 -4.52 6.16
C MET A 147 -7.65 -3.45 5.61
N ILE A 148 -7.62 -2.28 6.25
CA ILE A 148 -8.46 -1.17 5.85
C ILE A 148 -7.64 0.05 5.45
N VAL A 149 -8.10 0.77 4.44
CA VAL A 149 -7.49 2.00 3.96
C VAL A 149 -8.49 3.12 4.15
N GLY A 150 -8.11 4.13 4.92
CA GLY A 150 -8.99 5.27 5.10
C GLY A 150 -8.38 6.28 6.05
N ARG A 151 -8.78 7.53 5.92
CA ARG A 151 -8.21 8.62 6.72
C ARG A 151 -8.39 8.41 8.22
N LYS A 152 -9.43 7.70 8.64
CA LYS A 152 -9.65 7.51 10.07
C LYS A 152 -8.82 6.38 10.65
N PHE A 153 -8.01 5.73 9.81
CA PHE A 153 -7.22 4.56 10.21
C PHE A 153 -5.74 4.85 10.13
N LEU A 154 -4.90 3.88 10.47
CA LEU A 154 -3.46 4.05 10.31
C LEU A 154 -3.16 4.36 8.84
N VAL A 155 -2.24 5.29 8.59
CA VAL A 155 -1.81 5.52 7.22
C VAL A 155 -1.09 4.29 6.69
N LYS A 156 -1.46 3.85 5.48
CA LYS A 156 -0.93 2.62 4.92
C LYS A 156 0.06 2.91 3.79
N VAL A 157 0.88 1.90 3.51
CA VAL A 157 1.93 1.98 2.50
C VAL A 157 1.74 0.89 1.45
N ASN A 158 1.86 1.27 0.18
CA ASN A 158 1.90 0.29 -0.90
C ASN A 158 3.30 0.15 -1.47
N ALA A 159 3.72 -1.09 -1.74
CA ALA A 159 4.95 -1.35 -2.47
C ALA A 159 4.62 -1.84 -3.87
N ASN A 160 5.17 -1.14 -4.86
CA ASN A 160 5.04 -1.55 -6.24
C ASN A 160 6.17 -2.47 -6.60
N ILE A 161 5.82 -3.61 -7.18
CA ILE A 161 6.80 -4.55 -7.70
C ILE A 161 6.34 -5.01 -9.09
N GLY A 162 7.02 -5.99 -9.66
CA GLY A 162 6.64 -6.50 -10.95
C GLY A 162 7.83 -6.44 -11.89
N ASN A 163 7.81 -7.26 -12.92
CA ASN A 163 8.92 -7.23 -13.84
C ASN A 163 8.75 -6.14 -14.91
N SER A 164 9.74 -6.06 -15.80
CA SER A 164 9.56 -5.35 -17.07
C SER A 164 10.09 -6.27 -18.15
N ALA A 165 9.99 -5.84 -19.41
CA ALA A 165 10.54 -6.63 -20.50
C ALA A 165 12.06 -6.72 -20.41
N VAL A 166 12.65 -5.79 -19.65
CA VAL A 166 14.10 -5.65 -19.55
C VAL A 166 14.70 -6.38 -18.33
N ALA A 167 13.91 -6.57 -17.28
CA ALA A 167 14.47 -7.05 -16.02
C ALA A 167 13.56 -7.93 -15.17
N SER A 168 14.19 -8.77 -14.36
CA SER A 168 13.58 -9.58 -13.29
C SER A 168 12.94 -10.90 -13.73
N SER A 169 12.30 -11.57 -12.78
CA SER A 169 11.84 -12.95 -12.96
C SER A 169 10.74 -13.26 -11.95
N ILE A 170 10.05 -14.39 -12.14
CA ILE A 170 8.98 -14.77 -11.23
C ILE A 170 9.53 -14.96 -9.82
N GLU A 171 10.63 -15.69 -9.70
CA GLU A 171 11.26 -15.95 -8.42
C GLU A 171 11.58 -14.65 -7.69
N GLU A 172 12.13 -13.69 -8.42
N GLU A 172 12.16 -13.69 -8.42
CA GLU A 172 12.54 -12.45 -7.79
CA GLU A 172 12.56 -12.42 -7.85
C GLU A 172 11.35 -11.60 -7.37
C GLU A 172 11.36 -11.60 -7.38
N GLU A 173 10.28 -11.63 -8.15
CA GLU A 173 9.09 -10.86 -7.79
C GLU A 173 8.35 -11.44 -6.58
N VAL A 174 8.27 -12.76 -6.47
CA VAL A 174 7.69 -13.36 -5.27
C VAL A 174 8.54 -13.02 -4.03
N TYR A 175 9.87 -13.12 -4.17
CA TYR A 175 10.77 -12.71 -3.09
C TYR A 175 10.44 -11.27 -2.68
N LYS A 176 10.30 -10.39 -3.67
CA LYS A 176 10.06 -8.97 -3.40
C LYS A 176 8.75 -8.71 -2.66
N VAL A 177 7.71 -9.49 -2.96
CA VAL A 177 6.46 -9.32 -2.23
C VAL A 177 6.61 -9.74 -0.75
N GLN A 178 7.24 -10.89 -0.52
CA GLN A 178 7.47 -11.36 0.84
C GLN A 178 8.38 -10.39 1.60
N TRP A 179 9.37 -9.86 0.89
CA TRP A 179 10.31 -8.92 1.47
C TRP A 179 9.64 -7.59 1.76
N ALA A 180 8.86 -7.08 0.82
CA ALA A 180 8.18 -5.80 1.03
C ALA A 180 7.28 -5.87 2.25
N THR A 181 6.54 -6.97 2.39
CA THR A 181 5.61 -7.09 3.50
C THR A 181 6.34 -7.33 4.82
N MET A 182 7.49 -7.99 4.78
CA MET A 182 8.32 -8.14 5.97
C MET A 182 8.65 -6.78 6.59
N TRP A 183 8.91 -5.79 5.75
CA TRP A 183 9.34 -4.48 6.24
C TRP A 183 8.21 -3.51 6.48
N GLY A 184 6.99 -3.92 6.16
CA GLY A 184 5.83 -3.12 6.51
C GLY A 184 4.89 -2.73 5.39
N ALA A 185 5.10 -3.21 4.17
CA ALA A 185 4.14 -2.88 3.11
C ALA A 185 2.76 -3.41 3.47
N ASP A 186 1.76 -2.54 3.39
CA ASP A 186 0.37 -2.88 3.71
C ASP A 186 -0.38 -3.42 2.50
N THR A 187 -0.02 -2.95 1.31
CA THR A 187 -0.51 -3.55 0.07
C THR A 187 0.67 -3.66 -0.87
N ILE A 188 0.51 -4.47 -1.91
CA ILE A 188 1.47 -4.46 -2.99
C ILE A 188 0.71 -4.34 -4.30
N MET A 189 1.40 -3.88 -5.34
CA MET A 189 0.86 -4.00 -6.68
C MET A 189 1.84 -4.73 -7.57
N ASP A 190 1.30 -5.63 -8.38
CA ASP A 190 2.09 -6.32 -9.36
C ASP A 190 1.93 -5.60 -10.69
N LEU A 191 2.93 -4.80 -11.03
CA LEU A 191 2.93 -3.93 -12.20
C LEU A 191 3.68 -4.54 -13.37
N SER A 192 3.76 -5.86 -13.41
N SER A 192 3.75 -5.87 -13.38
CA SER A 192 4.53 -6.52 -14.47
CA SER A 192 4.53 -6.63 -14.36
C SER A 192 4.14 -6.09 -15.88
C SER A 192 4.07 -6.43 -15.79
N THR A 193 5.14 -5.71 -16.67
N THR A 193 4.98 -6.73 -16.72
CA THR A 193 4.96 -5.37 -18.08
CA THR A 193 4.71 -6.68 -18.14
C THR A 193 5.86 -6.20 -19.00
C THR A 193 5.38 -7.88 -18.84
N GLY A 194 6.42 -7.28 -18.47
N GLY A 194 5.25 -7.94 -20.15
CA GLY A 194 7.29 -8.13 -19.25
CA GLY A 194 5.87 -9.01 -20.91
C GLY A 194 6.65 -9.47 -19.53
C GLY A 194 5.14 -10.34 -20.86
N ARG A 195 7.43 -10.53 -19.36
N ARG A 195 5.89 -11.44 -20.93
CA ARG A 195 6.98 -11.89 -19.66
CA ARG A 195 5.32 -12.76 -20.79
C ARG A 195 6.15 -12.46 -18.52
C ARG A 195 5.16 -13.09 -19.31
N HIS A 196 5.32 -13.45 -18.84
N HIS A 196 4.56 -14.24 -19.02
CA HIS A 196 4.58 -14.24 -17.86
CA HIS A 196 4.42 -14.73 -17.65
C HIS A 196 3.78 -13.42 -16.86
C HIS A 196 3.58 -13.84 -16.73
N ILE A 197 2.99 -12.48 -17.36
N ILE A 197 2.85 -12.89 -17.30
CA ILE A 197 2.21 -11.62 -16.48
CA ILE A 197 2.04 -11.98 -16.51
C ILE A 197 1.19 -12.40 -15.64
C ILE A 197 1.02 -12.72 -15.65
N HIS A 198 0.44 -13.29 -16.27
N HIS A 198 0.21 -13.55 -16.28
CA HIS A 198 -0.57 -14.05 -15.54
CA HIS A 198 -0.81 -14.32 -15.57
C HIS A 198 0.04 -14.94 -14.46
C HIS A 198 -0.15 -15.24 -14.54
N GLU A 199 1.04 -15.73 -14.85
CA GLU A 199 1.72 -16.64 -13.95
C GLU A 199 2.41 -15.93 -12.79
N THR A 200 3.10 -14.84 -13.07
CA THR A 200 3.76 -14.08 -12.01
C THR A 200 2.72 -13.66 -10.97
N ARG A 201 1.60 -13.14 -11.46
CA ARG A 201 0.54 -12.66 -10.59
C ARG A 201 -0.12 -13.79 -9.79
N GLU A 202 -0.29 -14.95 -10.42
CA GLU A 202 -0.86 -16.09 -9.72
C GLU A 202 0.01 -16.51 -8.52
N TRP A 203 1.30 -16.64 -8.75
CA TRP A 203 2.22 -17.00 -7.67
C TRP A 203 2.19 -15.97 -6.55
N ILE A 204 2.12 -14.71 -6.93
CA ILE A 204 2.06 -13.63 -5.95
C ILE A 204 0.79 -13.69 -5.10
N LEU A 205 -0.37 -13.81 -5.75
CA LEU A 205 -1.64 -13.83 -5.04
C LEU A 205 -1.74 -14.99 -4.05
N ARG A 206 -1.32 -16.16 -4.50
CA ARG A 206 -1.41 -17.36 -3.67
C ARG A 206 -0.43 -17.28 -2.49
N ASN A 207 0.54 -16.38 -2.58
CA ASN A 207 1.55 -16.23 -1.55
C ASN A 207 1.57 -14.86 -0.87
N SER A 208 0.50 -14.08 -1.08
CA SER A 208 0.41 -12.77 -0.47
C SER A 208 -0.67 -12.69 0.57
N ALA A 209 -0.29 -12.31 1.78
CA ALA A 209 -1.23 -12.09 2.86
C ALA A 209 -1.80 -10.67 2.84
N VAL A 210 -1.23 -9.80 1.99
CA VAL A 210 -1.71 -8.43 1.87
C VAL A 210 -2.48 -8.25 0.57
N PRO A 211 -3.29 -7.19 0.47
CA PRO A 211 -4.00 -6.95 -0.79
C PRO A 211 -3.04 -6.76 -1.95
N VAL A 212 -3.45 -7.26 -3.10
CA VAL A 212 -2.68 -7.13 -4.32
C VAL A 212 -3.48 -6.32 -5.31
N GLY A 213 -2.88 -5.24 -5.80
CA GLY A 213 -3.49 -4.44 -6.86
C GLY A 213 -2.77 -4.64 -8.19
N THR A 214 -3.47 -4.30 -9.27
CA THR A 214 -2.86 -4.30 -10.59
C THR A 214 -3.37 -3.11 -11.38
N VAL A 215 -2.76 -2.90 -12.55
CA VAL A 215 -3.23 -1.93 -13.51
C VAL A 215 -3.57 -2.74 -14.76
N PRO A 216 -4.84 -3.14 -14.90
CA PRO A 216 -5.21 -4.08 -15.97
C PRO A 216 -4.84 -3.64 -17.38
N ILE A 217 -4.78 -2.34 -17.65
CA ILE A 217 -4.45 -1.91 -19.01
C ILE A 217 -3.07 -2.40 -19.45
N TYR A 218 -2.15 -2.64 -18.51
CA TYR A 218 -0.84 -3.13 -18.91
C TYR A 218 -0.94 -4.48 -19.60
N GLN A 219 -1.64 -5.41 -18.97
CA GLN A 219 -1.79 -6.74 -19.57
C GLN A 219 -2.67 -6.68 -20.82
N ALA A 220 -3.68 -5.81 -20.81
CA ALA A 220 -4.51 -5.66 -22.00
C ALA A 220 -3.65 -5.24 -23.19
N LEU A 221 -2.70 -4.33 -22.96
CA LEU A 221 -1.80 -3.90 -24.02
C LEU A 221 -0.92 -5.06 -24.49
N GLU A 222 -0.46 -5.89 -23.55
N GLU A 222 -0.43 -5.85 -23.53
CA GLU A 222 0.28 -7.09 -23.91
CA GLU A 222 0.42 -6.99 -23.83
C GLU A 222 -0.55 -8.04 -24.77
C GLU A 222 -0.32 -8.00 -24.70
N LYS A 223 -1.84 -8.16 -24.45
N LYS A 223 -1.62 -8.16 -24.45
CA LYS A 223 -2.74 -9.04 -25.19
CA LYS A 223 -2.44 -9.08 -25.23
C LYS A 223 -2.90 -8.63 -26.65
C LYS A 223 -2.51 -8.67 -26.68
N VAL A 224 -2.60 -7.37 -26.94
CA VAL A 224 -2.67 -6.87 -28.31
C VAL A 224 -1.28 -6.51 -28.83
N ASP A 225 -0.28 -7.16 -28.26
CA ASP A 225 1.10 -7.10 -28.74
C ASP A 225 1.69 -5.70 -28.75
N GLY A 226 1.29 -4.88 -27.78
CA GLY A 226 1.86 -3.56 -27.62
C GLY A 226 1.31 -2.51 -28.57
N ILE A 227 0.28 -2.87 -29.33
CA ILE A 227 -0.33 -1.93 -30.27
C ILE A 227 -1.54 -1.27 -29.61
N ALA A 228 -1.36 -0.06 -29.10
CA ALA A 228 -2.40 0.59 -28.30
C ALA A 228 -3.68 0.80 -29.09
N GLU A 229 -3.53 1.01 -30.39
CA GLU A 229 -4.67 1.23 -31.26
C GLU A 229 -5.55 -0.01 -31.37
N ASN A 230 -5.02 -1.18 -30.98
CA ASN A 230 -5.80 -2.41 -31.00
C ASN A 230 -6.47 -2.73 -29.67
N LEU A 231 -6.29 -1.86 -28.69
CA LEU A 231 -7.09 -1.94 -27.48
C LEU A 231 -8.53 -1.57 -27.79
N ASN A 232 -9.43 -2.01 -26.92
CA ASN A 232 -10.83 -1.63 -26.96
C ASN A 232 -11.48 -2.17 -25.70
N TRP A 233 -12.73 -1.80 -25.47
CA TRP A 233 -13.42 -2.27 -24.29
C TRP A 233 -13.41 -3.79 -24.16
N GLU A 234 -13.65 -4.49 -25.25
CA GLU A 234 -13.78 -5.94 -25.14
C GLU A 234 -12.51 -6.61 -24.61
N VAL A 235 -11.34 -6.24 -25.12
N VAL A 235 -11.35 -6.23 -25.16
CA VAL A 235 -10.13 -6.89 -24.62
CA VAL A 235 -10.06 -6.73 -24.71
C VAL A 235 -9.82 -6.41 -23.20
C VAL A 235 -9.88 -6.42 -23.22
N PHE A 236 -10.21 -5.19 -22.86
CA PHE A 236 -10.06 -4.72 -21.49
C PHE A 236 -10.98 -5.51 -20.55
N ARG A 237 -12.23 -5.72 -20.95
CA ARG A 237 -13.21 -6.45 -20.16
C ARG A 237 -12.71 -7.87 -19.86
N GLU A 238 -12.20 -8.54 -20.88
N GLU A 238 -12.22 -8.52 -20.91
CA GLU A 238 -11.70 -9.89 -20.68
CA GLU A 238 -11.62 -9.85 -20.80
C GLU A 238 -10.48 -9.91 -19.75
C GLU A 238 -10.56 -9.84 -19.72
N THR A 239 -9.68 -8.85 -19.79
CA THR A 239 -8.56 -8.74 -18.88
C THR A 239 -9.03 -8.53 -17.44
N LEU A 240 -10.02 -7.68 -17.27
CA LEU A 240 -10.60 -7.46 -15.93
C LEU A 240 -11.11 -8.75 -15.32
N ILE A 241 -11.85 -9.53 -16.11
CA ILE A 241 -12.40 -10.77 -15.58
C ILE A 241 -11.29 -11.76 -15.24
N GLU A 242 -10.31 -11.89 -16.12
CA GLU A 242 -9.16 -12.75 -15.86
C GLU A 242 -8.49 -12.42 -14.53
N GLN A 243 -8.20 -11.15 -14.32
CA GLN A 243 -7.51 -10.72 -13.12
C GLN A 243 -8.39 -10.85 -11.88
N ALA A 244 -9.67 -10.52 -12.02
CA ALA A 244 -10.59 -10.66 -10.90
C ALA A 244 -10.69 -12.12 -10.45
N GLU A 245 -10.74 -13.03 -11.42
CA GLU A 245 -10.85 -14.45 -11.11
C GLU A 245 -9.66 -14.96 -10.30
N GLN A 246 -8.48 -14.36 -10.50
CA GLN A 246 -7.30 -14.79 -9.75
C GLN A 246 -7.32 -14.29 -8.32
N GLY A 247 -8.05 -13.20 -8.06
CA GLY A 247 -8.11 -12.65 -6.73
C GLY A 247 -7.58 -11.23 -6.56
N VAL A 248 -7.29 -10.53 -7.66
CA VAL A 248 -6.78 -9.15 -7.54
C VAL A 248 -7.77 -8.30 -6.72
N ASP A 249 -7.24 -7.62 -5.70
CA ASP A 249 -8.09 -6.91 -4.75
C ASP A 249 -8.49 -5.52 -5.19
N TYR A 250 -7.65 -4.88 -6.00
CA TYR A 250 -8.00 -3.59 -6.54
C TYR A 250 -7.35 -3.35 -7.89
N PHE A 251 -8.06 -2.60 -8.74
CA PHE A 251 -7.58 -2.25 -10.06
C PHE A 251 -7.38 -0.75 -10.15
N THR A 252 -6.20 -0.34 -10.62
CA THR A 252 -6.03 1.03 -11.08
C THR A 252 -6.61 1.11 -12.48
N ILE A 253 -7.58 2.00 -12.68
CA ILE A 253 -8.18 2.20 -13.99
C ILE A 253 -8.20 3.69 -14.30
N HIS A 254 -7.59 4.07 -15.40
CA HIS A 254 -7.41 5.47 -15.74
C HIS A 254 -8.60 6.02 -16.52
N ALA A 255 -9.78 5.87 -15.93
CA ALA A 255 -11.03 6.22 -16.60
C ALA A 255 -11.27 7.73 -16.62
N GLY A 256 -10.45 8.50 -15.92
CA GLY A 256 -10.56 9.95 -15.93
C GLY A 256 -9.69 10.63 -16.95
N VAL A 257 -8.94 9.87 -17.74
CA VAL A 257 -8.16 10.44 -18.82
C VAL A 257 -9.10 10.62 -20.02
N LEU A 258 -9.84 11.73 -20.03
CA LEU A 258 -10.84 11.97 -21.06
C LEU A 258 -10.19 12.59 -22.28
N LEU A 259 -10.77 12.30 -23.44
CA LEU A 259 -10.27 12.80 -24.71
C LEU A 259 -10.01 14.30 -24.65
N ARG A 260 -10.95 15.06 -24.09
CA ARG A 260 -10.82 16.51 -24.09
C ARG A 260 -9.77 17.03 -23.12
N TYR A 261 -9.29 16.18 -22.21
CA TYR A 261 -8.26 16.62 -21.28
C TYR A 261 -6.87 16.47 -21.86
N ILE A 262 -6.74 15.64 -22.88
CA ILE A 262 -5.40 15.37 -23.43
C ILE A 262 -4.69 16.64 -23.96
N PRO A 263 -5.40 17.52 -24.68
CA PRO A 263 -4.70 18.73 -25.13
C PRO A 263 -4.24 19.64 -24.00
N LEU A 264 -4.80 19.49 -22.81
CA LEU A 264 -4.37 20.28 -21.66
C LEU A 264 -2.94 19.95 -21.25
N THR A 265 -2.39 18.86 -21.78
CA THR A 265 -1.03 18.45 -21.44
C THR A 265 0.02 18.92 -22.44
N ALA A 266 -0.42 19.61 -23.49
CA ALA A 266 0.47 19.98 -24.58
C ALA A 266 1.63 20.87 -24.17
N LYS A 267 1.41 21.73 -23.19
CA LYS A 267 2.46 22.66 -22.78
C LYS A 267 3.19 22.22 -21.52
N ARG A 268 2.98 20.97 -21.11
CA ARG A 268 3.68 20.44 -19.95
C ARG A 268 5.16 20.19 -20.22
N LEU A 269 5.95 20.29 -19.17
CA LEU A 269 7.38 20.03 -19.28
C LEU A 269 7.66 18.54 -19.45
N THR A 270 6.94 17.71 -18.71
CA THR A 270 7.20 16.28 -18.77
C THR A 270 5.99 15.47 -19.27
N GLY A 271 5.02 16.15 -19.88
CA GLY A 271 3.93 15.48 -20.58
C GLY A 271 3.11 14.56 -19.70
N ILE A 272 2.75 13.41 -20.25
CA ILE A 272 2.00 12.41 -19.51
C ILE A 272 2.97 11.34 -19.04
N VAL A 273 3.22 11.30 -17.73
CA VAL A 273 4.19 10.35 -17.17
C VAL A 273 3.54 9.07 -16.69
N SER A 274 2.22 9.07 -16.59
CA SER A 274 1.50 7.86 -16.25
C SER A 274 1.61 6.84 -17.37
N ARG A 275 2.02 5.63 -17.04
CA ARG A 275 2.06 4.54 -18.02
C ARG A 275 0.67 4.24 -18.58
N GLY A 276 -0.27 3.92 -17.69
CA GLY A 276 -1.62 3.66 -18.15
C GLY A 276 -2.27 4.87 -18.77
N GLY A 277 -2.02 6.05 -18.21
CA GLY A 277 -2.59 7.26 -18.76
C GLY A 277 -2.12 7.51 -20.17
N SER A 278 -0.84 7.29 -20.42
N SER A 278 -0.84 7.30 -20.41
CA SER A 278 -0.30 7.51 -21.77
CA SER A 278 -0.26 7.46 -21.74
C SER A 278 -0.85 6.50 -22.78
C SER A 278 -0.94 6.53 -22.74
N ILE A 279 -1.11 5.28 -22.33
CA ILE A 279 -1.72 4.26 -23.20
C ILE A 279 -3.13 4.66 -23.58
N HIS A 280 -3.95 5.07 -22.60
CA HIS A 280 -5.30 5.53 -22.89
C HIS A 280 -5.28 6.77 -23.78
N ALA A 281 -4.34 7.67 -23.53
CA ALA A 281 -4.27 8.90 -24.33
C ALA A 281 -3.96 8.58 -25.78
N LYS A 282 -3.04 7.65 -26.00
CA LYS A 282 -2.67 7.26 -27.36
C LYS A 282 -3.86 6.68 -28.10
N TRP A 283 -4.62 5.82 -27.43
CA TRP A 283 -5.81 5.23 -28.03
C TRP A 283 -6.85 6.31 -28.33
N CYS A 284 -7.10 7.19 -27.37
CA CYS A 284 -8.11 8.24 -27.55
C CYS A 284 -7.78 9.11 -28.74
N LEU A 285 -6.51 9.50 -28.86
CA LEU A 285 -6.11 10.36 -29.97
C LEU A 285 -6.15 9.63 -31.30
N ALA A 286 -5.82 8.34 -31.29
CA ALA A 286 -5.82 7.55 -32.52
C ALA A 286 -7.20 7.51 -33.15
N TYR A 287 -8.22 7.43 -32.31
CA TYR A 287 -9.59 7.25 -32.79
C TYR A 287 -10.45 8.50 -32.65
N HIS A 288 -9.92 9.51 -31.97
CA HIS A 288 -10.71 10.67 -31.55
C HIS A 288 -12.01 10.21 -30.89
N LYS A 289 -11.87 9.29 -29.94
N LYS A 289 -11.88 9.30 -29.93
CA LYS A 289 -13.01 8.75 -29.22
CA LYS A 289 -13.03 8.75 -29.23
C LYS A 289 -12.80 8.95 -27.73
C LYS A 289 -12.80 8.81 -27.73
N GLU A 290 -13.89 8.90 -26.97
CA GLU A 290 -13.80 8.97 -25.53
C GLU A 290 -13.20 7.70 -24.96
N ASN A 291 -12.41 7.87 -23.91
CA ASN A 291 -11.83 6.80 -23.12
C ASN A 291 -12.81 5.66 -22.92
N PHE A 292 -12.44 4.44 -23.34
CA PHE A 292 -13.39 3.33 -23.31
C PHE A 292 -13.68 2.84 -21.89
N ALA A 293 -12.74 3.06 -20.98
CA ALA A 293 -12.99 2.71 -19.59
C ALA A 293 -13.99 3.68 -18.96
N TYR A 294 -13.91 4.96 -19.34
CA TYR A 294 -14.93 5.91 -18.94
C TYR A 294 -16.29 5.50 -19.52
N GLU A 295 -16.34 5.25 -20.83
N GLU A 295 -16.33 5.25 -20.83
CA GLU A 295 -17.62 4.94 -21.47
CA GLU A 295 -17.58 4.91 -21.50
C GLU A 295 -18.25 3.65 -20.93
C GLU A 295 -18.24 3.67 -20.89
N HIS A 296 -17.42 2.71 -20.50
CA HIS A 296 -17.92 1.45 -19.95
C HIS A 296 -17.81 1.37 -18.44
N TRP A 297 -17.82 2.52 -17.76
CA TRP A 297 -17.69 2.52 -16.32
C TRP A 297 -18.72 1.63 -15.65
N ASP A 298 -19.98 1.73 -16.08
CA ASP A 298 -21.04 0.92 -15.47
C ASP A 298 -20.74 -0.57 -15.61
N ASP A 299 -20.21 -0.97 -16.76
CA ASP A 299 -19.92 -2.38 -16.99
C ASP A 299 -18.75 -2.84 -16.11
N ILE A 300 -17.83 -1.93 -15.83
CA ILE A 300 -16.72 -2.24 -14.93
C ILE A 300 -17.28 -2.46 -13.53
N LEU A 301 -18.21 -1.61 -13.12
CA LEU A 301 -18.84 -1.73 -11.81
C LEU A 301 -19.53 -3.09 -11.66
N ASP A 302 -20.16 -3.56 -12.74
CA ASP A 302 -20.86 -4.84 -12.68
C ASP A 302 -19.88 -5.98 -12.43
N ILE A 303 -18.69 -5.90 -13.01
CA ILE A 303 -17.67 -6.89 -12.75
C ILE A 303 -17.23 -6.80 -11.29
N CYS A 304 -16.90 -5.58 -10.84
CA CYS A 304 -16.39 -5.42 -9.48
C CYS A 304 -17.32 -5.92 -8.39
N ASN A 305 -18.63 -5.76 -8.64
N ASN A 305 -18.62 -5.77 -8.56
CA ASN A 305 -19.68 -6.18 -7.69
CA ASN A 305 -19.43 -6.17 -7.43
C ASN A 305 -19.72 -7.66 -7.43
C ASN A 305 -19.83 -7.66 -7.45
N GLN A 306 -19.32 -8.44 -8.42
CA GLN A 306 -19.41 -9.89 -8.31
C GLN A 306 -18.24 -10.49 -7.53
N TYR A 307 -17.11 -9.78 -7.46
CA TYR A 307 -15.90 -10.30 -6.81
C TYR A 307 -15.51 -9.54 -5.57
N ASP A 308 -15.99 -8.30 -5.46
CA ASP A 308 -15.41 -7.24 -4.62
C ASP A 308 -13.99 -6.90 -5.06
N VAL A 309 -13.87 -6.36 -6.26
CA VAL A 309 -12.65 -5.67 -6.62
C VAL A 309 -12.87 -4.20 -6.36
N ALA A 310 -11.97 -3.58 -5.59
CA ALA A 310 -12.05 -2.15 -5.37
C ALA A 310 -11.44 -1.42 -6.56
N LEU A 311 -11.95 -0.22 -6.84
CA LEU A 311 -11.41 0.57 -7.93
C LEU A 311 -10.53 1.68 -7.39
N SER A 312 -9.30 1.72 -7.89
CA SER A 312 -8.36 2.78 -7.58
C SER A 312 -8.35 3.66 -8.82
N ILE A 313 -9.10 4.74 -8.78
CA ILE A 313 -9.27 5.51 -10.00
C ILE A 313 -7.97 6.22 -10.30
N GLY A 314 -7.39 5.93 -11.45
CA GLY A 314 -6.04 6.36 -11.76
C GLY A 314 -5.92 7.85 -11.92
N ASP A 315 -4.70 8.35 -11.77
CA ASP A 315 -4.45 9.72 -12.19
C ASP A 315 -3.46 9.74 -13.34
N GLY A 316 -4.00 9.46 -14.52
CA GLY A 316 -3.20 9.41 -15.71
C GLY A 316 -2.61 10.76 -16.09
N LEU A 317 -3.20 11.84 -15.58
CA LEU A 317 -2.69 13.18 -15.84
C LEU A 317 -1.99 13.75 -14.62
N ARG A 318 -1.43 12.90 -13.78
CA ARG A 318 -0.62 13.41 -12.69
C ARG A 318 0.61 14.16 -13.21
N PRO A 319 1.10 15.10 -12.42
CA PRO A 319 2.30 15.86 -12.82
C PRO A 319 3.56 15.01 -12.64
N GLY A 320 4.42 15.01 -13.64
CA GLY A 320 5.66 14.26 -13.59
C GLY A 320 6.88 15.13 -13.36
N SER A 321 6.66 16.41 -13.06
CA SER A 321 7.72 17.37 -12.77
C SER A 321 7.13 18.45 -11.88
N ILE A 322 7.97 19.12 -11.12
CA ILE A 322 7.51 20.23 -10.31
C ILE A 322 6.84 21.28 -11.19
N TYR A 323 7.39 21.50 -12.38
CA TYR A 323 6.84 22.49 -13.30
C TYR A 323 5.35 22.26 -13.56
N ASP A 324 4.95 20.99 -13.68
CA ASP A 324 3.59 20.64 -14.09
C ASP A 324 2.62 20.52 -12.92
N ALA A 325 3.09 20.70 -11.69
CA ALA A 325 2.26 20.44 -10.52
C ALA A 325 1.03 21.33 -10.47
N ASN A 326 -0.11 20.72 -10.15
CA ASN A 326 -1.36 21.44 -9.90
C ASN A 326 -1.84 22.20 -11.11
N ASP A 327 -1.56 21.66 -12.30
CA ASP A 327 -1.99 22.32 -13.52
C ASP A 327 -3.41 21.94 -13.91
N THR A 328 -3.90 22.55 -14.98
CA THR A 328 -5.29 22.36 -15.38
C THR A 328 -5.61 20.91 -15.71
N ALA A 329 -4.71 20.23 -16.40
CA ALA A 329 -4.92 18.83 -16.75
C ALA A 329 -5.11 17.97 -15.52
N GLN A 330 -4.25 18.17 -14.53
CA GLN A 330 -4.29 17.38 -13.32
C GLN A 330 -5.65 17.52 -12.63
N PHE A 331 -6.11 18.75 -12.47
CA PHE A 331 -7.34 18.97 -11.72
C PHE A 331 -8.61 18.66 -12.53
N ALA A 332 -8.51 18.74 -13.86
CA ALA A 332 -9.62 18.30 -14.71
C ALA A 332 -9.89 16.83 -14.44
N GLU A 333 -8.83 16.04 -14.39
CA GLU A 333 -8.98 14.62 -14.11
C GLU A 333 -9.52 14.37 -12.70
N LEU A 334 -9.05 15.15 -11.73
CA LEU A 334 -9.53 14.99 -10.36
C LEU A 334 -11.05 15.21 -10.28
N LEU A 335 -11.54 16.22 -10.99
CA LEU A 335 -12.98 16.48 -11.03
C LEU A 335 -13.73 15.24 -11.55
N THR A 336 -13.21 14.65 -12.62
CA THR A 336 -13.82 13.44 -13.19
C THR A 336 -13.70 12.24 -12.24
N GLN A 337 -12.58 12.13 -11.52
N GLN A 337 -12.58 12.14 -11.53
CA GLN A 337 -12.44 11.08 -10.53
CA GLN A 337 -12.44 11.10 -10.52
C GLN A 337 -13.57 11.14 -9.50
C GLN A 337 -13.61 11.14 -9.54
N GLY A 338 -13.99 12.34 -9.13
CA GLY A 338 -15.09 12.50 -8.20
C GLY A 338 -16.41 12.02 -8.78
N GLU A 339 -16.67 12.35 -10.05
CA GLU A 339 -17.86 11.85 -10.73
C GLU A 339 -17.88 10.33 -10.75
N LEU A 340 -16.75 9.74 -11.12
CA LEU A 340 -16.63 8.29 -11.22
C LEU A 340 -16.78 7.62 -9.86
N THR A 341 -16.29 8.29 -8.82
CA THR A 341 -16.42 7.81 -7.44
C THR A 341 -17.88 7.71 -7.06
N ARG A 342 -18.62 8.80 -7.26
CA ARG A 342 -20.02 8.81 -6.89
C ARG A 342 -20.83 7.78 -7.68
N ARG A 343 -20.49 7.59 -8.95
CA ARG A 343 -21.14 6.58 -9.77
C ARG A 343 -20.86 5.17 -9.25
N ALA A 344 -19.61 4.92 -8.87
CA ALA A 344 -19.26 3.61 -8.32
C ALA A 344 -20.02 3.33 -7.03
N TRP A 345 -20.16 4.34 -6.17
CA TRP A 345 -20.87 4.16 -4.92
C TRP A 345 -22.35 3.84 -5.13
N GLU A 346 -22.94 4.32 -6.21
CA GLU A 346 -24.33 4.00 -6.51
C GLU A 346 -24.51 2.51 -6.73
N LYS A 347 -23.45 1.84 -7.14
CA LYS A 347 -23.46 0.39 -7.32
C LYS A 347 -22.74 -0.34 -6.20
N ASP A 348 -22.44 0.37 -5.11
CA ASP A 348 -21.79 -0.20 -3.93
C ASP A 348 -20.37 -0.71 -4.19
N VAL A 349 -19.68 -0.13 -5.17
CA VAL A 349 -18.31 -0.52 -5.42
C VAL A 349 -17.35 0.33 -4.61
N GLN A 350 -16.40 -0.31 -3.94
CA GLN A 350 -15.42 0.40 -3.15
C GLN A 350 -14.45 1.15 -4.05
N VAL A 351 -14.10 2.36 -3.64
CA VAL A 351 -13.26 3.24 -4.44
C VAL A 351 -12.21 3.96 -3.62
N MET A 352 -11.01 4.09 -4.19
CA MET A 352 -10.08 5.11 -3.73
C MET A 352 -9.62 5.91 -4.95
N ASN A 353 -9.03 7.07 -4.72
CA ASN A 353 -8.61 7.94 -5.81
C ASN A 353 -7.10 8.06 -5.79
N GLU A 354 -6.48 7.94 -6.95
CA GLU A 354 -5.03 8.11 -7.03
C GLU A 354 -4.66 9.57 -7.23
N GLY A 355 -3.59 9.97 -6.56
CA GLY A 355 -3.14 11.34 -6.60
C GLY A 355 -1.68 11.48 -6.96
N PRO A 356 -1.19 12.72 -6.98
CA PRO A 356 0.14 13.04 -7.49
C PRO A 356 1.23 12.37 -6.65
N GLY A 357 2.46 12.28 -7.13
CA GLY A 357 2.98 12.93 -8.31
C GLY A 357 4.22 13.73 -7.92
N HIS A 358 4.57 14.73 -8.72
CA HIS A 358 5.62 15.67 -8.34
C HIS A 358 4.93 16.96 -7.95
N VAL A 359 5.05 17.35 -6.68
CA VAL A 359 4.34 18.51 -6.16
C VAL A 359 5.22 19.19 -5.12
N PRO A 360 5.55 20.48 -5.32
CA PRO A 360 6.33 21.18 -4.31
C PRO A 360 5.48 21.41 -3.06
N MET A 361 6.12 21.56 -1.92
N MET A 361 6.12 21.56 -1.92
CA MET A 361 5.41 21.51 -0.65
CA MET A 361 5.39 21.51 -0.65
C MET A 361 4.28 22.54 -0.49
C MET A 361 4.26 22.53 -0.53
N HIS A 362 4.46 23.73 -1.05
CA HIS A 362 3.42 24.76 -0.91
C HIS A 362 2.16 24.43 -1.71
N LYS A 363 2.26 23.51 -2.66
CA LYS A 363 1.13 23.11 -3.49
C LYS A 363 0.43 21.86 -2.96
N ILE A 364 0.98 21.24 -1.92
CA ILE A 364 0.37 20.05 -1.35
C ILE A 364 -1.03 20.29 -0.73
N PRO A 365 -1.19 21.36 0.07
CA PRO A 365 -2.53 21.55 0.66
C PRO A 365 -3.67 21.66 -0.36
N GLU A 366 -3.45 22.36 -1.47
CA GLU A 366 -4.50 22.47 -2.49
C GLU A 366 -4.92 21.09 -3.01
N ASN A 367 -3.95 20.18 -3.15
CA ASN A 367 -4.27 18.84 -3.60
C ASN A 367 -5.24 18.14 -2.68
N MET A 368 -4.99 18.21 -1.38
CA MET A 368 -5.85 17.56 -0.42
C MET A 368 -7.21 18.24 -0.34
N GLN A 369 -7.21 19.57 -0.35
N GLN A 369 -7.19 19.57 -0.34
CA GLN A 369 -8.47 20.30 -0.24
CA GLN A 369 -8.41 20.37 -0.24
C GLN A 369 -9.41 19.93 -1.38
C GLN A 369 -9.38 20.04 -1.37
N LYS A 370 -8.91 19.99 -2.60
N LYS A 370 -8.86 20.00 -2.58
CA LYS A 370 -9.73 19.70 -3.76
CA LYS A 370 -9.71 19.70 -3.74
C LYS A 370 -10.17 18.24 -3.81
C LYS A 370 -10.19 18.26 -3.72
N GLN A 371 -9.31 17.31 -3.41
CA GLN A 371 -9.71 15.91 -3.43
C GLN A 371 -10.80 15.64 -2.40
N LEU A 372 -10.65 16.19 -1.20
CA LEU A 372 -11.62 15.91 -0.15
C LEU A 372 -12.99 16.41 -0.54
N GLU A 373 -13.02 17.57 -1.19
CA GLU A 373 -14.27 18.18 -1.60
C GLU A 373 -14.87 17.49 -2.83
N TRP A 374 -14.06 17.42 -3.89
CA TRP A 374 -14.55 16.98 -5.19
C TRP A 374 -14.84 15.49 -5.24
N CYS A 375 -14.20 14.73 -4.35
CA CYS A 375 -14.34 13.28 -4.34
C CYS A 375 -15.01 12.78 -3.07
N ASN A 376 -15.67 13.69 -2.35
CA ASN A 376 -16.53 13.29 -1.24
C ASN A 376 -15.80 12.43 -0.22
N GLU A 377 -14.55 12.80 0.07
CA GLU A 377 -13.77 12.15 1.10
C GLU A 377 -13.42 10.69 0.85
N ALA A 378 -13.53 10.22 -0.39
CA ALA A 378 -13.04 8.88 -0.71
C ALA A 378 -11.56 8.81 -0.33
N PRO A 379 -11.06 7.61 0.05
CA PRO A 379 -9.62 7.52 0.35
C PRO A 379 -8.74 7.97 -0.80
N PHE A 380 -7.65 8.66 -0.47
CA PHE A 380 -6.71 9.20 -1.44
C PHE A 380 -5.43 8.36 -1.35
N TYR A 381 -4.79 8.17 -2.50
CA TYR A 381 -3.71 7.22 -2.68
C TYR A 381 -2.64 7.92 -3.54
N THR A 382 -1.60 8.45 -2.91
CA THR A 382 -0.65 9.30 -3.62
C THR A 382 0.62 8.57 -3.96
N LEU A 383 1.30 9.04 -4.99
CA LEU A 383 2.61 8.52 -5.36
C LEU A 383 3.63 9.54 -4.87
N GLY A 384 4.06 9.40 -3.62
CA GLY A 384 4.75 10.49 -2.98
C GLY A 384 3.76 11.45 -2.36
N PRO A 385 3.80 12.74 -2.74
CA PRO A 385 4.52 13.29 -3.89
C PRO A 385 5.99 13.62 -3.67
N LEU A 386 6.75 13.59 -4.76
CA LEU A 386 8.11 14.11 -4.77
C LEU A 386 8.07 15.62 -4.65
N THR A 387 8.87 16.16 -3.74
CA THR A 387 8.83 17.58 -3.43
C THR A 387 9.87 18.38 -4.21
N THR A 388 10.70 17.68 -4.98
CA THR A 388 11.71 18.31 -5.81
C THR A 388 12.19 17.27 -6.82
N ASP A 389 12.68 17.74 -7.97
CA ASP A 389 13.15 16.88 -9.03
C ASP A 389 14.68 16.69 -9.02
N ILE A 390 15.38 17.31 -8.08
CA ILE A 390 16.84 17.46 -8.19
C ILE A 390 17.68 16.25 -7.78
N ALA A 391 17.08 15.19 -7.24
CA ALA A 391 17.88 14.14 -6.64
C ALA A 391 17.50 12.72 -7.03
N PRO A 392 17.50 12.40 -8.33
CA PRO A 392 17.34 10.99 -8.70
C PRO A 392 18.43 10.18 -8.02
N GLY A 393 18.04 9.00 -7.53
CA GLY A 393 18.88 8.19 -6.67
C GLY A 393 18.44 8.31 -5.22
N TYR A 394 17.69 9.37 -4.92
CA TYR A 394 17.23 9.65 -3.56
C TYR A 394 15.76 10.01 -3.54
N ASP A 395 15.00 9.51 -4.51
CA ASP A 395 13.61 9.90 -4.59
C ASP A 395 12.71 9.27 -3.54
N HIS A 396 13.25 8.29 -2.81
CA HIS A 396 12.55 7.83 -1.60
C HIS A 396 12.56 8.92 -0.53
N ILE A 397 13.57 9.79 -0.54
CA ILE A 397 13.66 10.87 0.43
C ILE A 397 12.89 12.10 -0.06
N THR A 398 13.08 12.48 -1.32
CA THR A 398 12.37 13.62 -1.86
C THR A 398 10.86 13.40 -1.74
N SER A 399 10.43 12.15 -1.90
CA SER A 399 9.02 11.83 -1.82
C SER A 399 8.53 11.50 -0.41
N ALA A 400 9.40 11.01 0.47
CA ALA A 400 8.98 10.79 1.86
C ALA A 400 8.52 12.10 2.47
N ILE A 401 9.17 13.21 2.10
CA ILE A 401 8.77 14.50 2.60
C ILE A 401 7.33 14.80 2.16
N GLY A 402 7.04 14.62 0.88
CA GLY A 402 5.71 14.90 0.35
C GLY A 402 4.66 13.94 0.88
N ALA A 403 5.02 12.67 0.98
CA ALA A 403 4.11 11.64 1.44
C ALA A 403 3.73 11.89 2.90
N ALA A 404 4.72 12.24 3.73
CA ALA A 404 4.43 12.54 5.12
C ALA A 404 3.48 13.73 5.20
N ASN A 405 3.73 14.76 4.41
N ASN A 405 3.75 14.77 4.42
CA ASN A 405 2.89 15.94 4.48
CA ASN A 405 2.92 15.96 4.43
C ASN A 405 1.47 15.71 4.00
C ASN A 405 1.49 15.69 4.01
N ILE A 406 1.33 15.01 2.89
CA ILE A 406 -0.01 14.78 2.35
C ILE A 406 -0.73 13.72 3.20
N GLY A 407 0.04 12.81 3.79
CA GLY A 407 -0.50 11.88 4.78
C GLY A 407 -1.06 12.61 5.99
N ALA A 408 -0.30 13.59 6.47
CA ALA A 408 -0.76 14.38 7.61
C ALA A 408 -2.07 15.09 7.31
N LEU A 409 -2.25 15.49 6.05
CA LEU A 409 -3.48 16.19 5.65
C LEU A 409 -4.65 15.25 5.38
N GLY A 410 -4.41 13.93 5.41
CA GLY A 410 -5.50 12.97 5.31
C GLY A 410 -5.36 11.87 4.29
N THR A 411 -4.28 11.83 3.54
CA THR A 411 -4.08 10.79 2.54
C THR A 411 -3.97 9.42 3.20
N ALA A 412 -4.71 8.45 2.68
CA ALA A 412 -4.90 7.17 3.37
C ALA A 412 -3.90 6.09 2.99
N LEU A 413 -3.42 6.16 1.75
CA LEU A 413 -2.51 5.14 1.23
C LEU A 413 -1.38 5.86 0.51
N LEU A 414 -0.15 5.53 0.89
CA LEU A 414 1.03 6.17 0.29
C LEU A 414 1.73 5.14 -0.58
N CYS A 415 1.74 5.36 -1.89
CA CYS A 415 2.48 4.48 -2.76
C CYS A 415 3.94 4.84 -2.65
N TYR A 416 4.79 3.84 -2.39
CA TYR A 416 6.18 4.13 -2.17
C TYR A 416 6.88 4.57 -3.44
N VAL A 417 8.07 5.12 -3.23
CA VAL A 417 8.98 5.48 -4.29
C VAL A 417 10.33 4.99 -3.79
N THR A 418 11.05 4.24 -4.63
CA THR A 418 12.31 3.65 -4.23
C THR A 418 13.48 4.52 -4.71
N PRO A 419 14.71 4.23 -4.23
CA PRO A 419 15.86 4.98 -4.74
C PRO A 419 16.09 4.83 -6.24
N LYS A 420 15.43 3.86 -6.88
CA LYS A 420 15.58 3.64 -8.32
C LYS A 420 14.58 4.39 -9.18
N GLU A 421 13.70 5.16 -8.55
CA GLU A 421 12.73 5.94 -9.31
C GLU A 421 13.42 6.79 -10.37
N HIS A 422 12.88 6.75 -11.60
CA HIS A 422 13.40 7.48 -12.76
C HIS A 422 14.65 6.85 -13.38
N LEU A 423 15.12 5.75 -12.80
CA LEU A 423 16.43 5.21 -13.18
C LEU A 423 16.41 3.76 -13.64
N GLY A 424 15.58 2.93 -13.02
CA GLY A 424 15.54 1.53 -13.39
C GLY A 424 14.61 0.75 -12.50
N LEU A 425 14.46 -0.53 -12.79
CA LEU A 425 13.56 -1.38 -12.03
C LEU A 425 14.14 -1.63 -10.63
N PRO A 426 13.35 -1.39 -9.58
CA PRO A 426 13.89 -1.60 -8.23
C PRO A 426 14.19 -3.07 -7.97
N ASN A 427 15.30 -3.32 -7.28
CA ASN A 427 15.62 -4.67 -6.82
C ASN A 427 15.17 -4.85 -5.37
N ARG A 428 15.42 -6.02 -4.81
CA ARG A 428 14.99 -6.33 -3.44
C ARG A 428 15.51 -5.32 -2.40
N ASP A 429 16.74 -4.84 -2.56
CA ASP A 429 17.30 -3.85 -1.63
C ASP A 429 16.55 -2.52 -1.73
N ASP A 430 16.22 -2.13 -2.96
CA ASP A 430 15.50 -0.89 -3.19
C ASP A 430 14.09 -0.97 -2.63
N VAL A 431 13.47 -2.16 -2.71
CA VAL A 431 12.15 -2.37 -2.16
C VAL A 431 12.20 -2.13 -0.65
N LYS A 432 13.18 -2.72 0.04
CA LYS A 432 13.31 -2.48 1.47
C LYS A 432 13.48 -0.99 1.78
N ALA A 433 14.38 -0.33 1.05
CA ALA A 433 14.65 1.10 1.29
C ALA A 433 13.39 1.93 1.13
N GLY A 434 12.61 1.62 0.09
CA GLY A 434 11.39 2.34 -0.15
C GLY A 434 10.35 2.09 0.92
N VAL A 435 10.20 0.84 1.34
CA VAL A 435 9.22 0.53 2.37
C VAL A 435 9.59 1.23 3.69
N ILE A 436 10.86 1.19 4.07
N ILE A 436 10.85 1.21 4.08
CA ILE A 436 11.28 1.84 5.31
CA ILE A 436 11.22 1.84 5.34
C ILE A 436 10.98 3.33 5.26
C ILE A 436 11.02 3.35 5.29
N ALA A 437 11.36 3.98 4.17
CA ALA A 437 11.15 5.42 4.03
C ALA A 437 9.66 5.74 4.14
N TYR A 438 8.83 4.88 3.57
CA TYR A 438 7.39 5.12 3.58
C TYR A 438 6.73 4.76 4.90
N LYS A 439 7.26 3.78 5.62
CA LYS A 439 6.77 3.51 6.96
C LYS A 439 7.08 4.70 7.88
N ILE A 440 8.23 5.33 7.68
CA ILE A 440 8.56 6.55 8.40
C ILE A 440 7.54 7.63 8.07
N ALA A 441 7.28 7.87 6.79
CA ALA A 441 6.34 8.90 6.40
C ALA A 441 4.94 8.64 6.95
N ALA A 442 4.50 7.38 6.84
CA ALA A 442 3.17 7.01 7.29
C ALA A 442 3.03 7.20 8.80
N HIS A 443 4.04 6.77 9.56
CA HIS A 443 3.96 6.92 11.00
C HIS A 443 4.06 8.38 11.42
N ALA A 444 4.92 9.15 10.74
CA ALA A 444 5.02 10.57 11.02
C ALA A 444 3.67 11.23 10.80
N ALA A 445 2.96 10.81 9.75
CA ALA A 445 1.62 11.31 9.50
C ALA A 445 0.63 10.89 10.60
N ASP A 446 0.70 9.62 11.04
CA ASP A 446 -0.15 9.19 12.14
C ASP A 446 0.05 10.09 13.37
N LEU A 447 1.31 10.42 13.67
CA LEU A 447 1.58 11.31 14.81
C LEU A 447 0.98 12.68 14.59
N ALA A 448 1.13 13.21 13.37
CA ALA A 448 0.61 14.54 13.07
C ALA A 448 -0.90 14.62 13.19
N LYS A 449 -1.57 13.49 12.93
CA LYS A 449 -3.02 13.41 13.01
C LYS A 449 -3.46 13.10 14.42
N GLN A 450 -2.50 12.91 15.31
CA GLN A 450 -2.78 12.49 16.69
C GLN A 450 -3.62 11.21 16.71
N HIS A 451 -3.27 10.29 15.82
CA HIS A 451 -3.99 9.04 15.74
C HIS A 451 -3.81 8.29 17.05
N PRO A 452 -4.89 7.71 17.59
CA PRO A 452 -4.80 7.10 18.93
C PRO A 452 -3.67 6.11 19.04
N HIS A 453 -2.88 6.29 20.10
N HIS A 453 -2.88 6.25 20.10
CA HIS A 453 -1.81 5.38 20.50
CA HIS A 453 -1.84 5.29 20.46
C HIS A 453 -0.57 5.34 19.60
C HIS A 453 -0.58 5.29 19.56
N ALA A 454 -0.56 6.14 18.53
CA ALA A 454 0.59 6.13 17.62
C ALA A 454 1.90 6.51 18.32
N GLN A 455 1.82 7.47 19.24
CA GLN A 455 3.02 7.93 19.90
C GLN A 455 3.58 6.92 20.89
N ALA A 456 2.80 5.90 21.25
CA ALA A 456 3.29 4.89 22.17
C ALA A 456 4.56 4.21 21.64
N TRP A 457 4.63 4.06 20.32
CA TRP A 457 5.79 3.45 19.70
C TRP A 457 7.03 4.34 19.90
N ASP A 458 6.92 5.61 19.54
CA ASP A 458 8.02 6.55 19.74
C ASP A 458 8.43 6.59 21.19
N ASP A 459 7.45 6.59 22.09
CA ASP A 459 7.73 6.70 23.52
C ASP A 459 8.50 5.48 24.01
N ALA A 460 8.11 4.29 23.55
CA ALA A 460 8.79 3.07 23.99
C ALA A 460 10.25 3.09 23.54
N LEU A 461 10.49 3.47 22.28
CA LEU A 461 11.86 3.52 21.79
C LEU A 461 12.67 4.60 22.52
N SER A 462 12.08 5.77 22.70
CA SER A 462 12.77 6.86 23.38
C SER A 462 13.07 6.54 24.84
N LYS A 463 12.19 5.81 25.49
CA LYS A 463 12.44 5.38 26.86
C LYS A 463 13.64 4.42 26.90
N ALA A 464 13.68 3.48 25.96
CA ALA A 464 14.82 2.57 25.86
C ALA A 464 16.12 3.33 25.58
N ARG A 465 16.03 4.36 24.74
CA ARG A 465 17.18 5.21 24.44
C ARG A 465 17.70 5.91 25.70
N PHE A 466 16.80 6.55 26.44
CA PHE A 466 17.19 7.28 27.63
C PHE A 466 17.78 6.35 28.70
N GLU A 467 17.27 5.13 28.78
CA GLU A 467 17.66 4.19 29.81
C GLU A 467 18.82 3.29 29.41
N PHE A 468 19.36 3.53 28.21
CA PHE A 468 20.49 2.76 27.68
C PHE A 468 20.17 1.26 27.55
N ARG A 469 18.90 0.96 27.29
CA ARG A 469 18.51 -0.40 26.96
C ARG A 469 18.69 -0.57 25.45
N TRP A 470 19.93 -0.71 25.03
CA TRP A 470 20.28 -0.63 23.62
C TRP A 470 19.57 -1.68 22.77
N MET A 471 19.58 -2.93 23.23
N MET A 471 19.58 -2.92 23.24
CA MET A 471 18.94 -3.98 22.46
CA MET A 471 18.95 -4.00 22.49
C MET A 471 17.43 -3.74 22.33
C MET A 471 17.45 -3.77 22.35
N ASP A 472 16.82 -3.23 23.39
CA ASP A 472 15.40 -2.87 23.33
C ASP A 472 15.18 -1.77 22.31
N GLN A 473 16.04 -0.75 22.33
CA GLN A 473 15.94 0.33 21.36
C GLN A 473 15.97 -0.23 19.94
N PHE A 474 16.95 -1.09 19.67
CA PHE A 474 17.06 -1.65 18.32
C PHE A 474 15.82 -2.49 18.00
N ALA A 475 15.41 -3.32 18.94
CA ALA A 475 14.28 -4.24 18.72
C ALA A 475 12.99 -3.50 18.42
N LEU A 476 12.84 -2.30 18.97
CA LEU A 476 11.65 -1.49 18.78
C LEU A 476 11.64 -0.69 17.48
N SER A 477 12.76 -0.66 16.77
N SER A 477 12.79 -0.70 16.79
CA SER A 477 12.86 0.22 15.61
CA SER A 477 13.00 0.12 15.59
C SER A 477 12.34 -0.46 14.36
C SER A 477 12.31 -0.46 14.36
N LEU A 478 12.17 0.35 13.31
CA LEU A 478 11.65 -0.15 12.04
C LEU A 478 12.57 -1.19 11.43
N ASP A 479 13.86 -1.07 11.67
CA ASP A 479 14.85 -1.96 11.06
C ASP A 479 15.94 -2.26 12.09
N PRO A 480 15.67 -3.19 13.01
CA PRO A 480 16.55 -3.42 14.16
C PRO A 480 18.01 -3.70 13.80
N MET A 481 18.26 -4.52 12.80
CA MET A 481 19.63 -4.92 12.51
C MET A 481 20.46 -3.79 11.92
N THR A 482 19.81 -2.86 11.22
CA THR A 482 20.54 -1.70 10.73
C THR A 482 20.98 -0.83 11.90
N ALA A 483 20.07 -0.56 12.82
CA ALA A 483 20.41 0.26 13.98
C ALA A 483 21.53 -0.39 14.78
N MET A 484 21.39 -1.69 15.03
CA MET A 484 22.39 -2.41 15.80
C MET A 484 23.75 -2.41 15.10
N SER A 485 23.76 -2.73 13.82
N SER A 485 23.77 -2.72 13.81
CA SER A 485 25.00 -2.78 13.05
CA SER A 485 25.03 -2.80 13.08
C SER A 485 25.70 -1.43 13.03
C SER A 485 25.71 -1.43 12.97
N PHE A 486 24.91 -0.37 12.82
CA PHE A 486 25.47 0.98 12.77
C PHE A 486 26.14 1.35 14.09
N HIS A 487 25.49 1.06 15.21
CA HIS A 487 26.06 1.32 16.53
C HIS A 487 27.36 0.53 16.69
N ASP A 488 27.34 -0.71 16.22
CA ASP A 488 28.44 -1.63 16.44
C ASP A 488 29.66 -1.37 15.55
N GLU A 489 29.52 -0.49 14.56
CA GLU A 489 30.66 -0.14 13.71
C GLU A 489 31.77 0.48 14.55
N THR A 490 31.38 1.23 15.58
CA THR A 490 32.35 1.88 16.46
C THR A 490 32.44 1.22 17.83
N LEU A 491 31.33 0.67 18.31
CA LEU A 491 31.33 0.00 19.62
C LEU A 491 30.69 -1.39 19.53
N PRO A 492 31.44 -2.39 19.03
CA PRO A 492 30.88 -3.71 18.78
C PRO A 492 30.81 -4.63 20.00
N ALA A 493 31.54 -4.31 21.07
CA ALA A 493 31.62 -5.18 22.23
C ALA A 493 30.28 -5.34 22.94
N ASP A 494 30.02 -6.52 23.48
CA ASP A 494 28.78 -6.81 24.19
C ASP A 494 28.51 -5.82 25.32
N GLY A 495 29.57 -5.44 26.03
CA GLY A 495 29.45 -4.51 27.13
C GLY A 495 28.92 -3.14 26.72
N ALA A 496 29.13 -2.78 25.46
CA ALA A 496 28.65 -1.49 24.98
C ALA A 496 27.13 -1.45 24.85
N LYS A 497 26.49 -2.62 24.84
CA LYS A 497 25.04 -2.69 24.74
C LYS A 497 24.36 -2.29 26.05
N VAL A 498 25.16 -2.10 27.10
CA VAL A 498 24.64 -1.59 28.36
C VAL A 498 25.40 -0.35 28.84
N ALA A 499 26.23 0.19 27.96
CA ALA A 499 27.04 1.37 28.28
C ALA A 499 26.18 2.62 28.25
N HIS A 500 26.44 3.55 29.17
CA HIS A 500 25.70 4.81 29.22
C HIS A 500 26.37 5.90 28.40
N PHE A 501 26.57 5.58 27.12
CA PHE A 501 27.12 6.47 26.11
C PHE A 501 27.19 5.66 24.82
N CYS A 502 27.50 6.34 23.73
CA CYS A 502 27.95 5.68 22.50
C CYS A 502 29.14 6.47 21.97
N SER A 503 29.58 6.19 20.75
CA SER A 503 30.80 6.81 20.25
C SER A 503 30.59 8.25 19.77
N MET A 504 29.33 8.69 19.66
CA MET A 504 29.07 10.06 19.24
C MET A 504 29.65 11.07 20.23
N CYS A 505 29.31 10.93 21.51
CA CYS A 505 29.78 11.84 22.54
C CYS A 505 30.91 11.26 23.38
N GLY A 506 30.95 9.94 23.49
CA GLY A 506 31.87 9.30 24.42
C GLY A 506 31.34 9.39 25.85
N PRO A 507 31.98 8.67 26.77
CA PRO A 507 31.45 8.56 28.15
C PRO A 507 31.35 9.90 28.89
N LYS A 508 32.26 10.83 28.63
CA LYS A 508 32.29 12.07 29.40
C LYS A 508 31.36 13.17 28.89
N PHE A 509 30.80 12.98 27.69
CA PHE A 509 29.98 14.03 27.08
C PHE A 509 28.56 13.58 26.74
N CYS A 510 28.23 12.32 27.01
CA CYS A 510 26.90 11.82 26.74
C CYS A 510 25.87 12.61 27.56
N SER A 511 24.97 13.31 26.86
CA SER A 511 24.03 14.21 27.52
C SER A 511 22.98 13.49 28.35
N MET A 512 22.57 12.30 27.91
CA MET A 512 21.59 11.54 28.67
C MET A 512 22.21 10.97 29.96
N LYS A 513 23.49 10.63 29.92
CA LYS A 513 24.19 10.21 31.12
C LYS A 513 24.35 11.39 32.09
N ILE A 514 24.64 12.58 31.54
CA ILE A 514 24.73 13.76 32.39
C ILE A 514 23.37 14.06 33.02
N THR A 515 22.29 13.91 32.25
CA THR A 515 20.94 14.09 32.80
C THR A 515 20.69 13.07 33.90
N GLU A 516 21.10 11.83 33.66
CA GLU A 516 21.00 10.76 34.65
C GLU A 516 21.67 11.13 35.97
N ASP A 517 22.87 11.70 35.88
CA ASP A 517 23.59 12.13 37.08
C ASP A 517 22.89 13.30 37.76
N ILE A 518 22.45 14.25 36.94
CA ILE A 518 21.69 15.41 37.40
C ILE A 518 20.47 15.01 38.21
N ARG A 519 19.68 14.07 37.67
CA ARG A 519 18.48 13.60 38.36
C ARG A 519 18.81 12.81 39.62
N LYS A 520 19.89 12.04 39.59
CA LYS A 520 20.33 11.28 40.75
C LYS A 520 20.73 12.23 41.87
N TYR A 521 21.46 13.29 41.51
CA TYR A 521 21.89 14.30 42.45
C TYR A 521 20.69 15.04 43.05
N ALA A 522 19.66 15.26 42.24
CA ALA A 522 18.45 15.94 42.69
C ALA A 522 17.60 15.02 43.56
N GLU A 523 17.92 13.74 43.56
CA GLU A 523 17.20 12.76 44.36
C GLU A 523 17.74 12.72 45.78
FE1 SF4 B . 25.40 8.49 22.15
FE2 SF4 B . 25.46 11.32 22.60
FE3 SF4 B . 24.80 9.56 24.62
FE4 SF4 B . 23.09 9.81 22.50
S1 SF4 B . 23.62 11.39 24.03
S2 SF4 B . 23.74 7.86 23.58
S3 SF4 B . 24.57 10.17 20.81
S4 SF4 B . 26.78 9.59 23.54
N1 AIR C . -0.10 5.55 -8.46
C2 AIR C . -0.16 6.52 -9.41
N3 AIR C . -0.66 7.61 -8.79
C4 AIR C . -0.92 7.36 -7.51
C5 AIR C . -0.56 6.06 -7.35
N6 AIR C . -0.64 5.36 -6.17
C1' AIR C . 0.40 4.17 -8.60
C2' AIR C . -0.74 3.16 -8.84
C3' AIR C . 0.05 2.08 -9.55
C4' AIR C . 0.81 2.95 -10.49
O4' AIR C . 1.19 4.09 -9.77
O2' AIR C . -1.34 2.79 -7.62
O3' AIR C . 1.03 1.54 -8.70
C5' AIR C . 0.04 3.29 -11.76
O5' AIR C . 0.97 3.83 -12.54
P AIR C . 0.62 4.53 -13.94
O6 AIR C . 1.95 5.17 -14.33
O7 AIR C . -0.41 5.57 -13.66
O8 AIR C . 0.15 3.48 -14.92
N1 5AD D . 8.21 -2.17 -10.14
C2 5AD D . 8.27 -1.14 -9.28
N3 5AD D . 7.83 0.07 -9.46
C4 5AD D . 7.23 0.35 -10.63
N9 5AD D . 6.69 1.42 -11.12
C8 5AD D . 6.24 1.14 -12.35
N7 5AD D . 6.49 -0.10 -12.65
C5 5AD D . 7.11 -0.68 -11.64
C6 5AD D . 7.65 -1.99 -11.33
N6 5AD D . 7.57 -2.97 -12.20
C1' 5AD D . 6.58 2.68 -10.39
C2' 5AD D . 6.92 3.96 -11.13
C3' 5AD D . 6.07 4.98 -10.45
C4' 5AD D . 4.79 4.20 -10.25
C5' 5AD D . 3.89 4.38 -11.47
O4' 5AD D . 5.19 2.85 -10.11
O2' 5AD D . 8.30 4.27 -11.06
O3' 5AD D . 6.59 5.30 -9.16
N MET E . 8.35 8.80 -12.59
CA MET E . 7.01 8.71 -13.24
C MET E . 5.98 9.40 -12.38
O MET E . 4.86 8.95 -12.28
CB MET E . 6.65 7.27 -13.59
CG MET E . 7.62 6.73 -14.63
SD MET E . 7.36 5.01 -14.95
CE MET E . 5.71 4.93 -15.64
OXT MET E . 6.28 10.45 -11.80
FE FE2 F . 8.37 10.83 -11.53
CL CL G . 21.14 9.60 21.69
C1 BU1 H . -19.86 -9.50 -17.94
C2 BU1 H . -20.13 -9.52 -16.45
C3 BU1 H . -19.22 -10.47 -15.72
C4 BU1 H . -19.43 -10.45 -14.21
O5 BU1 H . -18.74 -8.68 -18.23
O6 BU1 H . -20.17 -11.58 -13.80
C1 BU1 I . -4.32 -7.38 16.59
C2 BU1 I . -4.55 -6.22 17.54
C3 BU1 I . -3.35 -5.98 18.43
C4 BU1 I . -3.75 -5.77 19.87
O5 BU1 I . -3.69 -6.90 15.41
O6 BU1 I . -2.75 -6.32 20.70
#